data_3M5M
#
_entry.id   3M5M
#
_cell.length_a   58.218
_cell.length_b   60.093
_cell.length_c   95.670
_cell.angle_alpha   90.00
_cell.angle_beta   90.00
_cell.angle_gamma   90.00
#
_symmetry.space_group_name_H-M   'P 21 21 21'
#
loop_
_entity.id
_entity.type
_entity.pdbx_description
1 polymer NS3/4A
2 polymer 'FDEMEEC Peptide'
3 non-polymer '2-(N-MORPHOLINO)-ETHANESULFONIC ACID'
4 non-polymer 'SULFATE ION'
5 non-polymer 'ZINC ION'
6 water water
#
loop_
_entity_poly.entity_id
_entity_poly.type
_entity_poly.pdbx_seq_one_letter_code
_entity_poly.pdbx_strand_id
1 'polypeptide(L)'
;GSHMASMKKKGSVVIVGRINLSGDTAYAQQTRGEEGCQETSQTGRDKNQVEGEVQIVSTATQTFLATSINGVLWTVYHGA
GTRTIASPKGPVTQMYTNVDKDLVGWQAPQGSRSLTPCTCGSSDLYLVTRHADVIPVRRRGDSRGSLLSPRPISYLKGSA
GGPLLCPAGHAVGIFRAAVSTRGVAKAVDFIPVESLETTMRSP
;
A,B
2 'polypeptide(L)' (ACE)FDEMEEC C
#
# COMPACT_ATOMS: atom_id res chain seq x y z
N MET A 4 13.44 10.99 -9.63
CA MET A 4 12.03 11.06 -10.15
C MET A 4 11.42 9.67 -10.32
N ALA A 5 12.24 8.69 -10.64
CA ALA A 5 11.79 7.30 -10.75
C ALA A 5 11.06 6.86 -9.49
N SER A 6 11.53 7.32 -8.33
CA SER A 6 10.99 6.92 -7.02
C SER A 6 9.91 7.86 -6.49
N MET A 7 9.59 8.90 -7.24
CA MET A 7 8.58 9.86 -6.80
C MET A 7 7.18 9.27 -6.82
N LYS A 8 6.48 9.39 -5.69
CA LYS A 8 5.16 8.78 -5.53
C LYS A 8 4.04 9.79 -5.73
N LYS A 9 2.84 9.29 -5.98
CA LYS A 9 1.64 10.13 -5.92
C LYS A 9 1.09 10.04 -4.50
N LYS A 10 0.36 11.08 -4.09
CA LYS A 10 -0.43 11.03 -2.86
C LYS A 10 -1.50 9.95 -3.00
N GLY A 11 -1.78 9.24 -1.92
CA GLY A 11 -2.85 8.26 -1.90
C GLY A 11 -4.21 8.91 -2.06
N SER A 12 -5.22 8.09 -2.35
CA SER A 12 -6.59 8.54 -2.35
C SER A 12 -7.12 8.58 -0.92
N VAL A 13 -8.12 9.44 -0.71
CA VAL A 13 -9.02 9.32 0.44
C VAL A 13 -9.77 8.00 0.30
N VAL A 14 -9.93 7.31 1.44
CA VAL A 14 -10.59 6.02 1.48
C VAL A 14 -11.78 6.06 2.44
N ILE A 15 -12.95 5.61 1.98
CA ILE A 15 -14.09 5.43 2.88
C ILE A 15 -13.83 4.19 3.76
N VAL A 16 -13.82 4.39 5.08
CA VAL A 16 -13.50 3.31 6.01
C VAL A 16 -14.62 3.01 6.99
N GLY A 17 -15.73 3.73 6.88
CA GLY A 17 -16.85 3.47 7.73
C GLY A 17 -17.94 4.48 7.47
N ARG A 18 -18.92 4.49 8.36
CA ARG A 18 -20.04 5.41 8.23
CA ARG A 18 -19.99 5.47 8.25
C ARG A 18 -20.65 5.77 9.57
N ILE A 19 -21.36 6.89 9.60
CA ILE A 19 -22.17 7.27 10.74
C ILE A 19 -23.61 6.95 10.36
N ASN A 20 -24.16 5.94 11.02
CA ASN A 20 -25.51 5.51 10.74
C ASN A 20 -26.46 6.38 11.54
N LEU A 21 -27.35 7.10 10.84
CA LEU A 21 -28.36 7.96 11.46
C LEU A 21 -29.77 7.50 11.09
N SER A 22 -29.87 6.25 10.66
CA SER A 22 -31.12 5.72 10.10
C SER A 22 -32.14 5.27 11.15
N GLY A 23 -31.67 4.97 12.36
CA GLY A 23 -32.57 4.55 13.43
C GLY A 23 -32.85 5.65 14.44
N ASP A 24 -33.34 5.24 15.61
CA ASP A 24 -33.49 6.14 16.75
C ASP A 24 -32.16 6.32 17.49
N THR A 25 -31.13 5.59 17.08
CA THR A 25 -29.81 5.65 17.71
C THR A 25 -28.73 5.88 16.66
N ALA A 26 -27.85 6.85 16.89
CA ALA A 26 -26.74 7.11 15.98
C ALA A 26 -25.60 6.21 16.38
N TYR A 27 -24.84 5.70 15.42
CA TYR A 27 -23.68 4.85 15.73
C TYR A 27 -22.70 4.78 14.59
N ALA A 28 -21.42 4.68 14.94
CA ALA A 28 -20.36 4.54 13.96
C ALA A 28 -20.17 3.07 13.60
N GLN A 29 -19.94 2.82 12.31
CA GLN A 29 -19.63 1.49 11.81
C GLN A 29 -18.33 1.55 11.03
N GLN A 30 -17.42 0.61 11.30
CA GLN A 30 -16.24 0.47 10.46
C GLN A 30 -16.47 -0.54 9.33
N THR A 31 -16.07 -0.17 8.12
CA THR A 31 -16.22 -1.05 6.96
C THR A 31 -14.88 -1.50 6.38
N ARG A 32 -13.80 -0.89 6.82
CA ARG A 32 -12.48 -1.24 6.35
C ARG A 32 -11.49 -1.01 7.47
N GLY A 33 -10.68 -2.04 7.75
CA GLY A 33 -9.58 -1.90 8.67
C GLY A 33 -8.35 -1.29 8.02
N GLU A 34 -7.28 -1.15 8.80
CA GLU A 34 -6.12 -0.35 8.36
C GLU A 34 -5.37 -0.91 7.16
N GLU A 35 -5.27 -2.23 7.06
CA GLU A 35 -4.57 -2.87 5.92
C GLU A 35 -5.29 -2.63 4.61
N GLY A 36 -6.60 -2.86 4.63
CA GLY A 36 -7.43 -2.59 3.46
C GLY A 36 -7.44 -1.12 3.12
N CYS A 37 -7.44 -0.27 4.15
CA CYS A 37 -7.41 1.19 3.92
C CYS A 37 -6.14 1.60 3.17
N GLN A 38 -4.99 1.15 3.68
CA GLN A 38 -3.71 1.44 3.04
C GLN A 38 -3.66 0.97 1.57
N GLU A 39 -4.05 -0.29 1.33
CA GLU A 39 -4.08 -0.85 -0.02
C GLU A 39 -4.95 0.00 -0.94
N THR A 40 -6.16 0.27 -0.48
CA THR A 40 -7.14 1.02 -1.25
C THR A 40 -6.67 2.46 -1.52
N SER A 41 -5.94 3.04 -0.56
CA SER A 41 -5.44 4.39 -0.75
C SER A 41 -4.41 4.43 -1.87
N GLN A 42 -3.62 3.37 -1.97
CA GLN A 42 -2.59 3.26 -3.01
C GLN A 42 -3.17 2.96 -4.40
N THR A 43 -4.09 2.01 -4.49
CA THR A 43 -4.65 1.64 -5.79
C THR A 43 -5.72 2.60 -6.25
N GLY A 44 -6.45 3.19 -5.31
CA GLY A 44 -7.62 4.00 -5.60
C GLY A 44 -8.83 3.17 -5.97
N ARG A 45 -8.73 1.85 -5.81
CA ARG A 45 -9.80 0.92 -6.18
C ARG A 45 -10.48 0.42 -4.90
N ASP A 46 -11.73 0.84 -4.73
CA ASP A 46 -12.55 0.45 -3.59
C ASP A 46 -13.79 -0.30 -4.09
N LYS A 47 -13.83 -1.61 -3.87
CA LYS A 47 -14.98 -2.42 -4.33
C LYS A 47 -16.05 -2.64 -3.25
N ASN A 48 -15.92 -1.97 -2.10
CA ASN A 48 -16.92 -2.06 -1.04
C ASN A 48 -18.17 -1.28 -1.43
N GLN A 49 -19.34 -1.83 -1.07
CA GLN A 49 -20.61 -1.15 -1.26
C GLN A 49 -20.67 0.01 -0.26
N VAL A 50 -20.96 1.21 -0.76
CA VAL A 50 -21.13 2.38 0.12
C VAL A 50 -22.62 2.57 0.35
N GLU A 51 -22.99 2.90 1.59
CA GLU A 51 -24.38 3.18 1.94
C GLU A 51 -24.45 4.39 2.84
N GLY A 52 -25.62 5.04 2.84
CA GLY A 52 -25.88 6.13 3.76
C GLY A 52 -25.38 7.49 3.30
N GLU A 53 -25.52 8.45 4.20
CA GLU A 53 -25.27 9.88 3.92
C GLU A 53 -23.93 10.36 4.43
N VAL A 54 -23.51 9.83 5.58
CA VAL A 54 -22.32 10.30 6.25
C VAL A 54 -21.29 9.18 6.30
N GLN A 55 -20.14 9.43 5.69
CA GLN A 55 -19.06 8.46 5.60
C GLN A 55 -17.94 8.89 6.52
N ILE A 56 -17.21 7.91 7.05
CA ILE A 56 -15.96 8.14 7.74
C ILE A 56 -14.88 7.87 6.69
N VAL A 57 -13.99 8.84 6.51
CA VAL A 57 -12.96 8.76 5.49
C VAL A 57 -11.60 8.89 6.13
N SER A 58 -10.58 8.34 5.49
CA SER A 58 -9.27 8.41 6.03
C SER A 58 -8.21 8.66 4.97
N THR A 59 -7.20 9.40 5.39
CA THR A 59 -5.93 9.49 4.68
C THR A 59 -4.89 8.79 5.54
N ALA A 60 -3.62 8.87 5.16
CA ALA A 60 -2.55 8.30 5.99
C ALA A 60 -2.47 8.97 7.37
N THR A 61 -2.86 10.25 7.45
CA THR A 61 -2.65 11.05 8.66
C THR A 61 -3.92 11.44 9.43
N GLN A 62 -5.08 11.40 8.77
CA GLN A 62 -6.31 11.88 9.38
C GLN A 62 -7.46 10.93 9.13
N THR A 63 -8.38 10.88 10.09
CA THR A 63 -9.68 10.26 9.88
C THR A 63 -10.76 11.30 10.20
N PHE A 64 -11.70 11.49 9.27
CA PHE A 64 -12.70 12.55 9.39
C PHE A 64 -13.98 12.12 8.66
N LEU A 65 -14.92 13.03 8.43
CA LEU A 65 -16.22 12.70 7.86
C LEU A 65 -16.41 13.30 6.48
N ALA A 66 -17.35 12.75 5.71
CA ALA A 66 -17.71 13.31 4.44
C ALA A 66 -19.20 13.06 4.33
N THR A 67 -19.91 14.05 3.81
CA THR A 67 -21.37 14.05 3.80
C THR A 67 -21.91 14.30 2.40
N SER A 68 -22.82 13.44 1.98
CA SER A 68 -23.43 13.60 0.68
C SER A 68 -24.68 14.50 0.72
N ILE A 69 -24.69 15.52 -0.12
CA ILE A 69 -25.75 16.53 -0.24
C ILE A 69 -25.83 16.87 -1.73
N ASN A 70 -27.03 16.85 -2.31
CA ASN A 70 -27.19 17.13 -3.75
C ASN A 70 -26.29 16.28 -4.65
N GLY A 71 -26.12 15.01 -4.30
CA GLY A 71 -25.41 14.07 -5.15
C GLY A 71 -23.90 14.22 -5.19
N VAL A 72 -23.38 15.05 -4.28
CA VAL A 72 -21.95 15.27 -4.13
C VAL A 72 -21.54 14.89 -2.70
N LEU A 73 -20.40 14.22 -2.58
CA LEU A 73 -19.84 13.86 -1.29
C LEU A 73 -18.87 14.98 -0.91
N TRP A 74 -19.25 15.75 0.11
CA TRP A 74 -18.50 16.93 0.56
C TRP A 74 -17.67 16.64 1.78
N THR A 75 -16.51 17.28 1.84
CA THR A 75 -15.71 17.28 3.03
C THR A 75 -14.87 18.55 3.11
N VAL A 76 -14.01 18.60 4.12
CA VAL A 76 -13.15 19.73 4.31
C VAL A 76 -11.81 19.60 3.58
N TYR A 77 -11.36 20.72 3.05
CA TYR A 77 -10.06 20.80 2.42
C TYR A 77 -8.95 20.49 3.43
N HIS A 78 -9.10 20.94 4.67
CA HIS A 78 -8.03 20.67 5.64
C HIS A 78 -7.86 19.17 5.97
N GLY A 79 -8.83 18.35 5.59
CA GLY A 79 -8.71 16.90 5.73
C GLY A 79 -8.19 16.28 4.45
N ALA A 80 -8.92 16.51 3.36
CA ALA A 80 -8.71 15.81 2.10
C ALA A 80 -7.68 16.47 1.19
N GLY A 81 -7.41 17.75 1.38
CA GLY A 81 -6.62 18.50 0.41
C GLY A 81 -7.22 18.35 -0.97
N THR A 82 -6.35 18.14 -1.97
CA THR A 82 -6.76 17.93 -3.36
C THR A 82 -6.90 16.47 -3.76
N ARG A 83 -6.93 15.56 -2.79
CA ARG A 83 -6.83 14.12 -3.06
C ARG A 83 -8.01 13.55 -3.84
N THR A 84 -7.71 12.53 -4.63
CA THR A 84 -8.76 11.73 -5.24
C THR A 84 -9.44 10.89 -4.15
N ILE A 85 -10.60 10.31 -4.47
CA ILE A 85 -11.24 9.37 -3.56
C ILE A 85 -11.26 8.02 -4.26
N ALA A 86 -11.02 6.96 -3.49
CA ALA A 86 -11.05 5.61 -4.03
C ALA A 86 -12.49 5.24 -4.38
N SER A 87 -12.65 4.48 -5.45
CA SER A 87 -13.98 4.12 -5.97
C SER A 87 -13.87 2.78 -6.66
N PRO A 88 -15.03 2.18 -7.01
CA PRO A 88 -15.03 0.92 -7.76
C PRO A 88 -14.30 0.97 -9.10
N LYS A 89 -14.20 2.16 -9.71
CA LYS A 89 -13.58 2.31 -11.01
C LYS A 89 -12.18 2.89 -10.93
N GLY A 90 -11.65 3.06 -9.72
CA GLY A 90 -10.35 3.66 -9.53
C GLY A 90 -10.47 5.04 -8.92
N PRO A 91 -9.34 5.77 -8.84
CA PRO A 91 -9.37 7.05 -8.15
C PRO A 91 -10.21 8.08 -8.91
N VAL A 92 -11.05 8.80 -8.16
CA VAL A 92 -11.95 9.80 -8.71
C VAL A 92 -11.46 11.19 -8.30
N THR A 93 -11.23 12.03 -9.30
CA THR A 93 -10.82 13.40 -9.06
C THR A 93 -11.96 14.27 -8.48
N GLN A 94 -11.60 15.23 -7.64
CA GLN A 94 -12.58 16.17 -7.08
C GLN A 94 -13.34 16.92 -8.17
N MET A 95 -14.64 17.06 -7.95
CA MET A 95 -15.52 17.92 -8.75
C MET A 95 -15.39 19.38 -8.35
N TYR A 96 -15.17 19.60 -7.06
CA TYR A 96 -15.11 20.94 -6.48
C TYR A 96 -13.98 21.02 -5.46
N THR A 97 -13.21 22.10 -5.53
CA THR A 97 -12.12 22.34 -4.60
C THR A 97 -12.08 23.81 -4.25
N ASN A 98 -12.25 24.14 -2.97
CA ASN A 98 -12.22 25.52 -2.57
C ASN A 98 -11.60 25.67 -1.20
N VAL A 99 -10.29 25.90 -1.19
CA VAL A 99 -9.52 26.04 0.02
C VAL A 99 -10.01 27.23 0.87
N ASP A 100 -10.53 28.26 0.21
CA ASP A 100 -11.00 29.45 0.91
C ASP A 100 -12.24 29.19 1.76
N LYS A 101 -13.08 28.25 1.30
CA LYS A 101 -14.26 27.80 2.03
C LYS A 101 -13.94 26.58 2.92
N ASP A 102 -12.75 26.01 2.75
CA ASP A 102 -12.34 24.76 3.41
C ASP A 102 -13.27 23.64 2.97
N LEU A 103 -13.50 23.57 1.67
CA LEU A 103 -14.54 22.72 1.10
C LEU A 103 -14.06 22.04 -0.16
N VAL A 104 -14.29 20.71 -0.23
CA VAL A 104 -14.08 19.92 -1.43
C VAL A 104 -15.25 18.96 -1.65
N GLY A 105 -15.39 18.47 -2.87
CA GLY A 105 -16.43 17.49 -3.16
C GLY A 105 -16.09 16.60 -4.34
N TRP A 106 -16.56 15.35 -4.26
CA TRP A 106 -16.46 14.38 -5.34
C TRP A 106 -17.88 13.98 -5.71
N GLN A 107 -18.14 13.52 -6.92
CA GLN A 107 -19.41 12.91 -7.20
C GLN A 107 -19.68 11.85 -6.13
N ALA A 108 -20.89 11.82 -5.58
CA ALA A 108 -21.20 10.88 -4.49
C ALA A 108 -21.13 9.44 -5.01
N PRO A 109 -20.67 8.50 -4.15
CA PRO A 109 -20.53 7.10 -4.51
C PRO A 109 -21.85 6.51 -4.93
N GLN A 110 -21.81 5.63 -5.93
CA GLN A 110 -22.98 4.83 -6.32
C GLN A 110 -23.50 4.08 -5.10
N GLY A 111 -24.80 4.14 -4.87
CA GLY A 111 -25.43 3.46 -3.72
C GLY A 111 -25.50 4.29 -2.44
N SER A 112 -24.80 5.42 -2.40
CA SER A 112 -24.91 6.34 -1.27
C SER A 112 -26.27 7.05 -1.32
N ARG A 113 -26.61 7.70 -0.21
CA ARG A 113 -27.81 8.53 -0.13
C ARG A 113 -27.37 9.94 0.18
N SER A 114 -28.08 10.91 -0.41
CA SER A 114 -27.83 12.33 -0.16
C SER A 114 -28.87 12.89 0.79
N LEU A 115 -28.41 13.74 1.69
CA LEU A 115 -29.27 14.61 2.49
C LEU A 115 -29.85 15.68 1.57
N THR A 116 -31.05 16.16 1.90
CA THR A 116 -31.64 17.26 1.17
C THR A 116 -31.33 18.56 1.92
N PRO A 117 -31.06 19.65 1.15
CA PRO A 117 -30.83 20.93 1.82
C PRO A 117 -32.05 21.38 2.59
N CYS A 118 -31.83 21.95 3.75
CA CYS A 118 -32.92 22.37 4.60
C CYS A 118 -33.71 23.51 4.00
N THR A 119 -35.03 23.34 3.93
CA THR A 119 -35.95 24.39 3.52
C THR A 119 -36.83 24.84 4.69
N CYS A 120 -36.41 24.55 5.92
CA CYS A 120 -37.20 24.84 7.13
C CYS A 120 -36.93 26.25 7.64
N GLY A 121 -35.79 26.80 7.25
CA GLY A 121 -35.33 28.06 7.85
C GLY A 121 -35.03 27.87 9.34
N SER A 122 -34.51 26.69 9.67
CA SER A 122 -34.33 26.30 11.06
C SER A 122 -32.99 26.79 11.60
N SER A 123 -33.01 27.34 12.82
CA SER A 123 -31.77 27.65 13.53
C SER A 123 -31.49 26.68 14.70
N ASP A 124 -32.37 25.69 14.88
CA ASP A 124 -32.16 24.64 15.88
C ASP A 124 -31.50 23.44 15.18
N LEU A 125 -30.20 23.32 15.37
CA LEU A 125 -29.42 22.39 14.59
C LEU A 125 -28.92 21.24 15.46
N TYR A 126 -28.46 20.20 14.78
CA TYR A 126 -27.79 19.06 15.44
C TYR A 126 -26.49 18.72 14.73
N LEU A 127 -25.38 18.77 15.46
CA LEU A 127 -24.08 18.37 14.93
C LEU A 127 -23.89 16.87 15.11
N VAL A 128 -23.50 16.19 14.04
CA VAL A 128 -23.22 14.75 14.10
C VAL A 128 -21.72 14.57 14.09
N THR A 129 -21.22 13.83 15.08
CA THR A 129 -19.78 13.71 15.26
C THR A 129 -19.26 12.38 14.75
N ARG A 130 -17.95 12.27 14.68
CA ARG A 130 -17.29 11.05 14.18
CA ARG A 130 -17.29 11.07 14.17
C ARG A 130 -17.50 9.89 15.14
N HIS A 131 -17.80 10.20 16.40
CA HIS A 131 -18.13 9.19 17.43
C HIS A 131 -19.64 8.93 17.52
N ALA A 132 -20.39 9.48 16.57
CA ALA A 132 -21.83 9.30 16.45
C ALA A 132 -22.60 9.94 17.61
N ASP A 133 -22.03 11.01 18.18
CA ASP A 133 -22.75 11.86 19.11
C ASP A 133 -23.58 12.81 18.27
N VAL A 134 -24.74 13.18 18.79
CA VAL A 134 -25.63 14.13 18.15
C VAL A 134 -25.77 15.26 19.17
N ILE A 135 -25.22 16.42 18.81
CA ILE A 135 -25.06 17.51 19.76
C ILE A 135 -25.91 18.70 19.33
N PRO A 136 -26.84 19.15 20.20
CA PRO A 136 -27.66 20.29 19.84
C PRO A 136 -26.83 21.58 19.73
N VAL A 137 -27.14 22.38 18.72
CA VAL A 137 -26.41 23.60 18.35
C VAL A 137 -27.43 24.66 17.94
N ARG A 138 -27.35 25.85 18.51
CA ARG A 138 -28.21 26.95 18.08
C ARG A 138 -27.46 27.81 17.08
N ARG A 139 -28.04 28.01 15.90
CA ARG A 139 -27.39 28.81 14.85
C ARG A 139 -27.42 30.28 15.25
N ARG A 140 -26.30 30.98 15.08
CA ARG A 140 -26.22 32.39 15.44
C ARG A 140 -25.98 33.32 14.24
N GLY A 141 -25.63 32.75 13.10
CA GLY A 141 -25.37 33.54 11.89
C GLY A 141 -25.26 32.62 10.69
N ASP A 142 -24.74 33.13 9.58
CA ASP A 142 -24.60 32.32 8.38
C ASP A 142 -23.81 31.03 8.63
N SER A 143 -22.74 31.15 9.39
CA SER A 143 -21.73 30.10 9.43
C SER A 143 -21.27 29.72 10.84
N ARG A 144 -22.02 30.13 11.86
CA ARG A 144 -21.63 29.86 13.25
C ARG A 144 -22.86 29.46 14.08
N GLY A 145 -22.63 28.55 15.02
CA GLY A 145 -23.65 28.16 15.99
C GLY A 145 -22.99 27.93 17.33
N SER A 146 -23.79 27.94 18.38
CA SER A 146 -23.24 27.68 19.71
C SER A 146 -23.69 26.30 20.16
N LEU A 147 -22.79 25.55 20.78
CA LEU A 147 -23.16 24.28 21.39
C LEU A 147 -24.05 24.59 22.58
N LEU A 148 -25.20 23.93 22.64
CA LEU A 148 -26.10 24.10 23.76
C LEU A 148 -25.67 23.21 24.92
N SER A 149 -24.86 22.21 24.60
CA SER A 149 -24.35 21.24 25.56
C SER A 149 -22.84 21.16 25.33
N PRO A 150 -22.05 21.81 26.21
CA PRO A 150 -20.59 21.84 26.03
C PRO A 150 -19.98 20.45 25.83
N ARG A 151 -18.93 20.38 25.01
CA ARG A 151 -18.11 19.18 24.87
C ARG A 151 -16.67 19.59 24.87
N PRO A 152 -15.78 18.68 25.29
CA PRO A 152 -14.36 18.97 25.10
C PRO A 152 -14.05 19.06 23.61
N ILE A 153 -13.15 19.93 23.20
CA ILE A 153 -12.82 20.04 21.77
C ILE A 153 -12.28 18.69 21.23
N SER A 154 -11.59 17.93 22.09
CA SER A 154 -11.04 16.63 21.67
C SER A 154 -12.13 15.65 21.23
N TYR A 155 -13.35 15.85 21.74
CA TYR A 155 -14.48 14.97 21.39
C TYR A 155 -14.99 15.23 19.98
N LEU A 156 -14.62 16.37 19.42
CA LEU A 156 -15.02 16.72 18.06
C LEU A 156 -13.92 16.37 17.04
N LYS A 157 -12.81 15.77 17.50
CA LYS A 157 -11.71 15.43 16.60
C LYS A 157 -12.17 14.51 15.51
N GLY A 158 -11.84 14.87 14.28
CA GLY A 158 -12.28 14.13 13.11
C GLY A 158 -13.75 14.29 12.76
N SER A 159 -14.45 15.27 13.34
CA SER A 159 -15.83 15.52 12.90
C SER A 159 -15.96 16.47 11.71
N ALA A 160 -14.89 17.16 11.34
CA ALA A 160 -14.94 18.09 10.20
C ALA A 160 -15.34 17.29 8.99
N GLY A 161 -16.23 17.86 8.20
CA GLY A 161 -16.81 17.17 7.07
C GLY A 161 -18.17 16.61 7.37
N GLY A 162 -18.53 16.52 8.64
CA GLY A 162 -19.84 15.96 8.99
C GLY A 162 -20.94 17.02 8.93
N PRO A 163 -22.18 16.59 9.13
CA PRO A 163 -23.26 17.53 8.94
C PRO A 163 -23.76 18.25 10.18
N LEU A 164 -24.29 19.45 9.94
CA LEU A 164 -25.22 20.10 10.85
C LEU A 164 -26.57 19.85 10.25
N LEU A 165 -27.45 19.23 11.03
CA LEU A 165 -28.79 18.88 10.58
C LEU A 165 -29.84 19.73 11.26
N CYS A 166 -30.96 19.95 10.59
CA CYS A 166 -32.12 20.56 11.22
C CYS A 166 -32.90 19.47 11.97
N PRO A 167 -33.94 19.85 12.72
CA PRO A 167 -34.72 18.86 13.47
C PRO A 167 -35.35 17.76 12.60
N ALA A 168 -35.65 18.08 11.34
CA ALA A 168 -36.23 17.12 10.42
C ALA A 168 -35.19 16.22 9.73
N GLY A 169 -33.90 16.49 9.95
CA GLY A 169 -32.84 15.70 9.32
C GLY A 169 -32.35 16.19 7.96
N HIS A 170 -32.69 17.44 7.62
CA HIS A 170 -32.17 18.08 6.41
C HIS A 170 -30.76 18.62 6.69
N ALA A 171 -29.97 18.77 5.64
CA ALA A 171 -28.63 19.35 5.77
C ALA A 171 -28.69 20.88 5.85
N VAL A 172 -28.07 21.44 6.89
CA VAL A 172 -27.95 22.89 7.03
C VAL A 172 -26.54 23.36 6.72
N GLY A 173 -25.55 22.51 7.01
CA GLY A 173 -24.16 22.83 6.70
C GLY A 173 -23.21 21.68 6.97
N ILE A 174 -21.96 21.93 6.63
CA ILE A 174 -20.83 21.02 6.88
C ILE A 174 -19.94 21.61 7.97
N PHE A 175 -19.75 20.85 9.04
CA PHE A 175 -18.91 21.28 10.15
C PHE A 175 -17.49 21.46 9.69
N ARG A 176 -16.88 22.57 10.12
CA ARG A 176 -15.56 22.95 9.67
C ARG A 176 -14.59 22.96 10.83
N ALA A 177 -14.96 23.67 11.90
CA ALA A 177 -14.06 23.84 13.03
C ALA A 177 -14.80 24.35 14.26
N ALA A 178 -14.26 24.04 15.44
CA ALA A 178 -14.88 24.48 16.69
C ALA A 178 -14.08 25.60 17.29
N VAL A 179 -14.74 26.38 18.14
CA VAL A 179 -14.13 27.44 18.91
C VAL A 179 -14.12 26.99 20.36
N SER A 180 -12.94 26.99 20.99
CA SER A 180 -12.79 26.43 22.33
C SER A 180 -12.27 27.46 23.33
N THR A 181 -12.74 27.34 24.57
CA THR A 181 -12.21 28.12 25.67
C THR A 181 -11.75 27.13 26.73
N ARG A 182 -10.46 27.16 27.05
CA ARG A 182 -9.90 26.28 28.07
C ARG A 182 -10.24 24.82 27.74
N GLY A 183 -10.17 24.45 26.46
CA GLY A 183 -10.38 23.07 26.03
C GLY A 183 -11.82 22.66 25.77
N VAL A 184 -12.76 23.54 26.05
CA VAL A 184 -14.18 23.23 25.92
C VAL A 184 -14.75 23.95 24.69
N ALA A 185 -15.34 23.17 23.78
CA ALA A 185 -15.97 23.73 22.58
C ALA A 185 -17.27 24.42 22.94
N LYS A 186 -17.40 25.69 22.54
CA LYS A 186 -18.56 26.50 22.89
C LYS A 186 -19.36 26.87 21.66
N ALA A 187 -18.67 26.92 20.53
CA ALA A 187 -19.28 27.29 19.27
C ALA A 187 -18.62 26.55 18.13
N VAL A 188 -19.33 26.47 17.03
CA VAL A 188 -18.87 25.74 15.87
C VAL A 188 -19.00 26.63 14.65
N ASP A 189 -18.04 26.51 13.76
CA ASP A 189 -18.07 27.17 12.47
C ASP A 189 -18.39 26.11 11.43
N PHE A 190 -19.25 26.45 10.49
CA PHE A 190 -19.65 25.49 9.47
C PHE A 190 -19.80 26.15 8.10
N ILE A 191 -19.85 25.31 7.08
CA ILE A 191 -20.02 25.77 5.71
C ILE A 191 -21.50 25.60 5.40
N PRO A 192 -22.22 26.70 5.18
CA PRO A 192 -23.67 26.54 5.02
C PRO A 192 -24.02 25.91 3.69
N VAL A 193 -25.13 25.21 3.64
CA VAL A 193 -25.51 24.48 2.45
C VAL A 193 -25.71 25.40 1.24
N GLU A 194 -26.04 26.66 1.48
CA GLU A 194 -26.15 27.67 0.41
C GLU A 194 -24.81 27.91 -0.28
N SER A 195 -23.73 27.86 0.49
CA SER A 195 -22.38 28.02 -0.03
C SER A 195 -22.00 26.82 -0.91
N LEU A 196 -22.44 25.63 -0.51
CA LEU A 196 -22.33 24.44 -1.35
C LEU A 196 -23.05 24.65 -2.67
N GLU A 197 -24.31 25.08 -2.60
CA GLU A 197 -25.15 25.30 -3.79
C GLU A 197 -24.50 26.30 -4.75
N THR A 198 -23.89 27.36 -4.21
CA THR A 198 -23.19 28.36 -5.01
C THR A 198 -21.98 27.77 -5.71
N THR A 199 -21.22 26.94 -5.00
CA THR A 199 -20.06 26.27 -5.57
C THR A 199 -20.49 25.38 -6.74
N MET A 200 -21.66 24.76 -6.63
CA MET A 200 -22.21 23.92 -7.70
C MET A 200 -22.69 24.76 -8.88
N MET B 4 48.54 -17.86 -22.33
CA MET B 4 47.20 -17.88 -22.95
C MET B 4 46.63 -19.30 -23.11
N ALA B 5 47.51 -20.27 -23.34
CA ALA B 5 47.09 -21.65 -23.55
C ALA B 5 46.35 -22.25 -22.35
N SER B 6 46.69 -21.78 -21.16
CA SER B 6 46.07 -22.29 -19.93
C SER B 6 44.93 -21.40 -19.41
N MET B 7 44.50 -20.42 -20.21
CA MET B 7 43.41 -19.52 -19.80
C MET B 7 42.06 -20.24 -19.83
N LYS B 8 41.36 -20.17 -18.69
CA LYS B 8 40.10 -20.88 -18.50
C LYS B 8 38.93 -19.94 -18.71
N LYS B 9 37.73 -20.52 -18.79
CA LYS B 9 36.49 -19.74 -18.90
C LYS B 9 35.74 -19.80 -17.58
N LYS B 10 34.95 -18.77 -17.31
CA LYS B 10 34.06 -18.79 -16.17
C LYS B 10 33.01 -19.86 -16.38
N GLY B 11 32.67 -20.56 -15.30
CA GLY B 11 31.58 -21.52 -15.32
C GLY B 11 30.23 -20.83 -15.41
N SER B 12 29.20 -21.65 -15.61
CA SER B 12 27.84 -21.20 -15.57
C SER B 12 27.32 -21.16 -14.12
N VAL B 13 26.37 -20.26 -13.88
CA VAL B 13 25.52 -20.32 -12.70
C VAL B 13 24.74 -21.63 -12.80
N VAL B 14 24.56 -22.31 -11.67
CA VAL B 14 23.86 -23.57 -11.64
C VAL B 14 22.70 -23.50 -10.63
N ILE B 15 21.52 -23.99 -11.05
CA ILE B 15 20.38 -24.17 -10.14
C ILE B 15 20.67 -25.39 -9.25
N VAL B 16 20.80 -25.16 -7.95
CA VAL B 16 21.10 -26.23 -6.98
C VAL B 16 19.95 -26.56 -6.02
N GLY B 17 18.84 -25.86 -6.18
CA GLY B 17 17.68 -26.12 -5.33
C GLY B 17 16.57 -25.15 -5.63
N ARG B 18 15.58 -25.10 -4.73
CA ARG B 18 14.50 -24.13 -4.85
CA ARG B 18 14.48 -24.15 -4.85
C ARG B 18 13.89 -23.84 -3.48
N ILE B 19 13.19 -22.71 -3.41
CA ILE B 19 12.43 -22.38 -2.22
C ILE B 19 10.99 -22.68 -2.57
N ASN B 20 10.47 -23.72 -1.93
CA ASN B 20 9.12 -24.17 -2.20
C ASN B 20 8.14 -23.29 -1.43
N LEU B 21 7.20 -22.68 -2.15
CA LEU B 21 6.20 -21.79 -1.55
C LEU B 21 4.78 -22.26 -1.85
N SER B 22 4.63 -23.50 -2.27
CA SER B 22 3.36 -23.95 -2.84
C SER B 22 2.37 -24.59 -1.85
N GLY B 23 2.74 -24.67 -0.58
CA GLY B 23 1.80 -25.16 0.45
C GLY B 23 1.47 -24.08 1.46
N ASP B 24 1.20 -24.50 2.69
CA ASP B 24 1.05 -23.58 3.81
C ASP B 24 2.41 -23.35 4.49
N THR B 25 3.44 -24.02 3.98
CA THR B 25 4.77 -23.99 4.59
C THR B 25 5.84 -23.72 3.54
N ALA B 26 6.73 -22.77 3.81
CA ALA B 26 7.86 -22.51 2.96
C ALA B 26 9.00 -23.45 3.34
N TYR B 27 9.65 -24.05 2.35
CA TYR B 27 10.82 -24.91 2.62
C TYR B 27 11.83 -24.95 1.48
N ALA B 28 13.10 -25.02 1.85
CA ALA B 28 14.20 -25.14 0.89
C ALA B 28 14.42 -26.61 0.50
N GLN B 29 14.66 -26.85 -0.80
CA GLN B 29 14.97 -28.19 -1.29
C GLN B 29 16.27 -28.11 -2.05
N GLN B 30 17.19 -29.04 -1.78
CA GLN B 30 18.41 -29.11 -2.56
C GLN B 30 18.21 -30.12 -3.66
N THR B 31 18.57 -29.75 -4.88
CA THR B 31 18.45 -30.65 -6.03
C THR B 31 19.81 -31.08 -6.58
N ARG B 32 20.88 -30.40 -6.16
CA ARG B 32 22.24 -30.77 -6.52
C ARG B 32 23.21 -30.50 -5.39
N GLY B 33 24.05 -31.48 -5.09
CA GLY B 33 25.16 -31.28 -4.16
C GLY B 33 26.34 -30.56 -4.80
N GLU B 34 27.39 -30.33 -4.01
CA GLU B 34 28.54 -29.55 -4.46
C GLU B 34 29.24 -30.12 -5.70
N GLU B 35 29.47 -31.42 -5.75
CA GLU B 35 30.18 -32.04 -6.90
C GLU B 35 29.37 -31.88 -8.17
N GLY B 36 28.08 -32.21 -8.11
CA GLY B 36 27.17 -32.07 -9.24
C GLY B 36 27.05 -30.62 -9.70
N CYS B 37 27.03 -29.71 -8.73
CA CYS B 37 27.02 -28.28 -9.05
C CYS B 37 28.25 -27.90 -9.90
N GLN B 38 29.45 -28.28 -9.41
CA GLN B 38 30.68 -27.96 -10.11
C GLN B 38 30.72 -28.53 -11.51
N GLU B 39 30.29 -29.78 -11.64
CA GLU B 39 30.26 -30.47 -12.94
C GLU B 39 29.34 -29.76 -13.91
N THR B 40 28.17 -29.39 -13.42
CA THR B 40 27.17 -28.71 -14.24
C THR B 40 27.64 -27.30 -14.63
N SER B 41 28.41 -26.67 -13.76
CA SER B 41 28.97 -25.34 -14.02
C SER B 41 29.95 -25.37 -15.20
N GLN B 42 30.64 -26.50 -15.36
CA GLN B 42 31.67 -26.66 -16.38
C GLN B 42 31.08 -26.94 -17.76
N THR B 43 30.11 -27.84 -17.82
CA THR B 43 29.43 -28.17 -19.06
C THR B 43 28.34 -27.16 -19.44
N GLY B 44 27.70 -26.58 -18.44
CA GLY B 44 26.54 -25.73 -18.68
C GLY B 44 25.28 -26.50 -19.05
N ARG B 45 25.32 -27.84 -18.91
CA ARG B 45 24.19 -28.67 -19.23
C ARG B 45 23.60 -29.24 -17.94
N ASP B 46 22.46 -28.69 -17.56
CA ASP B 46 21.71 -29.12 -16.41
C ASP B 46 20.48 -29.88 -16.90
N LYS B 47 20.50 -31.19 -16.72
CA LYS B 47 19.41 -32.05 -17.19
C LYS B 47 18.20 -32.05 -16.24
N ASN B 48 18.35 -31.48 -15.04
CA ASN B 48 17.24 -31.42 -14.09
C ASN B 48 16.09 -30.58 -14.63
N GLN B 49 14.88 -31.02 -14.32
CA GLN B 49 13.67 -30.27 -14.65
C GLN B 49 13.44 -29.26 -13.56
N VAL B 50 13.52 -27.99 -13.90
CA VAL B 50 13.29 -26.93 -12.94
C VAL B 50 11.80 -26.76 -12.67
N GLU B 51 11.49 -26.47 -11.42
CA GLU B 51 10.12 -26.31 -10.96
C GLU B 51 10.04 -25.09 -10.06
N GLY B 52 8.91 -24.42 -10.10
CA GLY B 52 8.65 -23.33 -9.15
C GLY B 52 9.18 -21.97 -9.56
N GLU B 53 9.00 -21.01 -8.66
CA GLU B 53 9.25 -19.60 -8.96
C GLU B 53 10.61 -19.15 -8.46
N VAL B 54 11.01 -19.65 -7.30
CA VAL B 54 12.24 -19.22 -6.62
C VAL B 54 13.27 -20.33 -6.61
N GLN B 55 14.38 -20.09 -7.30
CA GLN B 55 15.47 -21.06 -7.43
C GLN B 55 16.62 -20.70 -6.50
N ILE B 56 17.30 -21.72 -5.98
CA ILE B 56 18.57 -21.54 -5.29
C ILE B 56 19.66 -21.78 -6.34
N VAL B 57 20.55 -20.80 -6.49
CA VAL B 57 21.60 -20.83 -7.50
C VAL B 57 22.98 -20.68 -6.90
N SER B 58 23.97 -21.21 -7.59
CA SER B 58 25.33 -21.21 -7.10
C SER B 58 26.35 -20.93 -8.19
N THR B 59 27.38 -20.19 -7.81
CA THR B 59 28.62 -20.13 -8.56
C THR B 59 29.63 -20.96 -7.77
N ALA B 60 30.88 -20.94 -8.20
CA ALA B 60 31.93 -21.65 -7.51
C ALA B 60 32.07 -21.20 -6.05
N THR B 61 31.76 -19.95 -5.76
CA THR B 61 32.05 -19.38 -4.44
C THR B 61 30.85 -18.77 -3.71
N GLN B 62 29.72 -18.59 -4.37
CA GLN B 62 28.58 -17.95 -3.72
C GLN B 62 27.30 -18.73 -3.97
N THR B 63 26.41 -18.76 -3.00
CA THR B 63 25.05 -19.30 -3.22
C THR B 63 24.02 -18.24 -2.90
N PHE B 64 23.04 -18.10 -3.77
CA PHE B 64 22.05 -17.03 -3.64
C PHE B 64 20.77 -17.48 -4.33
N LEU B 65 19.86 -16.54 -4.59
CA LEU B 65 18.56 -16.89 -5.16
C LEU B 65 18.31 -16.29 -6.55
N ALA B 66 17.35 -16.88 -7.27
CA ALA B 66 16.87 -16.29 -8.52
C ALA B 66 15.35 -16.51 -8.62
N THR B 67 14.64 -15.53 -9.16
CA THR B 67 13.19 -15.50 -9.09
C THR B 67 12.63 -15.23 -10.47
N SER B 68 11.70 -16.06 -10.91
CA SER B 68 11.05 -15.85 -12.21
C SER B 68 9.87 -14.90 -12.10
N ILE B 69 9.91 -13.84 -12.90
CA ILE B 69 8.81 -12.87 -13.04
C ILE B 69 8.73 -12.49 -14.52
N ASN B 70 7.54 -12.55 -15.10
CA ASN B 70 7.33 -12.21 -16.51
C ASN B 70 8.16 -13.06 -17.49
N GLY B 71 8.39 -14.33 -17.14
CA GLY B 71 9.07 -15.28 -18.03
C GLY B 71 10.57 -15.13 -18.09
N VAL B 72 11.11 -14.35 -17.15
CA VAL B 72 12.53 -14.09 -17.03
C VAL B 72 12.96 -14.51 -15.63
N LEU B 73 14.08 -15.22 -15.53
CA LEU B 73 14.67 -15.56 -14.23
C LEU B 73 15.66 -14.47 -13.84
N TRP B 74 15.30 -13.72 -12.81
CA TRP B 74 16.07 -12.55 -12.35
C TRP B 74 16.96 -12.90 -11.19
N THR B 75 18.13 -12.27 -11.16
CA THR B 75 18.95 -12.30 -9.96
C THR B 75 19.81 -11.06 -9.89
N VAL B 76 20.71 -11.03 -8.90
CA VAL B 76 21.58 -9.89 -8.68
C VAL B 76 22.88 -10.02 -9.45
N TYR B 77 23.33 -8.90 -10.00
CA TYR B 77 24.62 -8.83 -10.66
C TYR B 77 25.75 -9.16 -9.68
N HIS B 78 25.65 -8.71 -8.43
CA HIS B 78 26.72 -8.96 -7.46
C HIS B 78 26.89 -10.44 -7.13
N GLY B 79 25.92 -11.27 -7.49
CA GLY B 79 26.06 -12.72 -7.38
C GLY B 79 26.45 -13.37 -8.71
N ALA B 80 25.71 -13.09 -9.78
CA ALA B 80 25.92 -13.79 -11.06
C ALA B 80 26.96 -13.16 -11.98
N GLY B 81 27.27 -11.87 -11.78
CA GLY B 81 28.03 -11.12 -12.80
C GLY B 81 27.42 -11.32 -14.18
N THR B 82 28.27 -11.52 -15.18
CA THR B 82 27.84 -11.74 -16.56
C THR B 82 27.70 -13.23 -16.97
N ARG B 83 27.65 -14.12 -15.98
CA ARG B 83 27.71 -15.56 -16.27
C ARG B 83 26.50 -16.10 -17.02
N THR B 84 26.74 -17.12 -17.83
CA THR B 84 25.66 -17.92 -18.40
C THR B 84 25.03 -18.74 -17.27
N ILE B 85 23.86 -19.31 -17.53
CA ILE B 85 23.23 -20.25 -16.59
C ILE B 85 23.07 -21.61 -17.26
N ALA B 86 23.26 -22.68 -16.48
CA ALA B 86 23.17 -24.03 -17.03
C ALA B 86 21.71 -24.37 -17.29
N SER B 87 21.41 -25.11 -18.35
CA SER B 87 20.04 -25.52 -18.62
C SER B 87 19.99 -26.85 -19.38
N PRO B 88 18.78 -27.43 -19.56
CA PRO B 88 18.65 -28.66 -20.35
C PRO B 88 18.96 -28.48 -21.82
N LYS B 89 19.01 -27.21 -22.25
CA LYS B 89 19.36 -26.84 -23.61
C LYS B 89 20.79 -26.32 -23.70
N GLY B 90 21.60 -26.60 -22.66
CA GLY B 90 22.96 -26.04 -22.54
C GLY B 90 22.99 -24.64 -21.91
N PRO B 91 24.20 -24.03 -21.88
CA PRO B 91 24.36 -22.73 -21.22
C PRO B 91 23.64 -21.59 -21.95
N VAL B 92 22.98 -20.76 -21.16
CA VAL B 92 22.10 -19.73 -21.62
C VAL B 92 22.74 -18.38 -21.27
N THR B 93 22.94 -17.56 -22.29
CA THR B 93 23.49 -16.22 -22.12
C THR B 93 22.42 -15.29 -21.54
N GLN B 94 22.85 -14.33 -20.72
CA GLN B 94 21.95 -13.35 -20.12
C GLN B 94 21.17 -12.56 -21.18
N MET B 95 19.89 -12.38 -20.92
CA MET B 95 18.98 -11.56 -21.72
C MET B 95 19.09 -10.10 -21.30
N TYR B 96 19.31 -9.88 -20.00
CA TYR B 96 19.43 -8.55 -19.43
C TYR B 96 20.60 -8.50 -18.46
N THR B 97 21.34 -7.41 -18.52
CA THR B 97 22.48 -7.20 -17.63
C THR B 97 22.52 -5.73 -17.29
N ASN B 98 22.43 -5.41 -16.00
CA ASN B 98 22.47 -4.02 -15.56
C ASN B 98 23.12 -3.89 -14.17
N VAL B 99 24.42 -3.66 -14.20
CA VAL B 99 25.21 -3.50 -12.98
C VAL B 99 24.76 -2.32 -12.12
N ASP B 100 24.22 -1.27 -12.74
CA ASP B 100 23.75 -0.10 -12.00
C ASP B 100 22.48 -0.39 -11.20
N LYS B 101 21.64 -1.29 -11.69
CA LYS B 101 20.47 -1.74 -10.93
C LYS B 101 20.78 -2.98 -10.08
N ASP B 102 22.00 -3.52 -10.22
CA ASP B 102 22.40 -4.78 -9.60
C ASP B 102 21.46 -5.93 -10.02
N LEU B 103 21.21 -6.01 -11.33
CA LEU B 103 20.18 -6.87 -11.87
C LEU B 103 20.66 -7.59 -13.13
N VAL B 104 20.40 -8.88 -13.18
CA VAL B 104 20.59 -9.64 -14.42
C VAL B 104 19.39 -10.55 -14.59
N GLY B 105 19.16 -11.01 -15.81
CA GLY B 105 18.11 -11.95 -16.08
C GLY B 105 18.43 -12.84 -17.26
N TRP B 106 17.97 -14.08 -17.17
CA TRP B 106 17.99 -15.03 -18.28
C TRP B 106 16.54 -15.41 -18.62
N GLN B 107 16.28 -15.89 -19.83
CA GLN B 107 14.98 -16.50 -20.13
C GLN B 107 14.67 -17.57 -19.08
N ALA B 108 13.46 -17.56 -18.53
CA ALA B 108 13.11 -18.47 -17.44
C ALA B 108 13.19 -19.92 -17.90
N PRO B 109 13.71 -20.83 -17.05
CA PRO B 109 13.82 -22.24 -17.45
C PRO B 109 12.47 -22.84 -17.83
N GLN B 110 12.45 -23.68 -18.86
CA GLN B 110 11.23 -24.37 -19.22
C GLN B 110 10.79 -25.23 -18.03
N GLY B 111 9.51 -25.12 -17.67
CA GLY B 111 8.97 -25.90 -16.56
C GLY B 111 8.82 -25.07 -15.30
N SER B 112 9.53 -23.95 -15.27
CA SER B 112 9.43 -23.01 -14.17
C SER B 112 8.13 -22.23 -14.23
N ARG B 113 7.85 -21.52 -13.15
CA ARG B 113 6.63 -20.75 -12.98
C ARG B 113 7.05 -19.34 -12.62
N SER B 114 6.41 -18.32 -13.21
CA SER B 114 6.66 -16.93 -12.80
C SER B 114 5.64 -16.42 -11.78
N LEU B 115 6.10 -15.57 -10.88
CA LEU B 115 5.25 -14.83 -9.95
C LEU B 115 4.55 -13.71 -10.71
N THR B 116 3.33 -13.39 -10.29
CA THR B 116 2.61 -12.25 -10.83
C THR B 116 3.04 -10.96 -10.13
N PRO B 117 3.28 -9.89 -10.92
CA PRO B 117 3.54 -8.59 -10.30
C PRO B 117 2.34 -8.12 -9.47
N CYS B 118 2.63 -7.63 -8.28
CA CYS B 118 1.59 -7.13 -7.37
C CYS B 118 0.94 -5.85 -7.94
N THR B 119 -0.39 -5.81 -7.87
CA THR B 119 -1.16 -4.60 -8.19
C THR B 119 -2.12 -4.18 -7.06
N CYS B 120 -1.97 -4.76 -5.86
CA CYS B 120 -2.90 -4.49 -4.77
C CYS B 120 -2.48 -3.31 -3.90
N GLY B 121 -1.26 -2.82 -4.10
CA GLY B 121 -0.78 -1.63 -3.39
C GLY B 121 -0.36 -1.80 -1.94
N SER B 122 -0.31 -3.04 -1.45
CA SER B 122 -0.02 -3.28 -0.04
C SER B 122 1.39 -2.85 0.32
N SER B 123 1.55 -2.28 1.51
CA SER B 123 2.88 -1.98 2.05
C SER B 123 3.34 -3.05 3.05
N ASP B 124 2.55 -4.11 3.23
CA ASP B 124 2.93 -5.25 4.08
C ASP B 124 3.60 -6.30 3.22
N LEU B 125 4.93 -6.35 3.28
CA LEU B 125 5.70 -7.24 2.42
C LEU B 125 6.27 -8.41 3.20
N TYR B 126 6.67 -9.44 2.46
CA TYR B 126 7.24 -10.65 3.03
C TYR B 126 8.46 -11.05 2.21
N LEU B 127 9.63 -11.03 2.84
CA LEU B 127 10.85 -11.45 2.17
C LEU B 127 11.03 -12.94 2.36
N VAL B 128 11.22 -13.64 1.25
CA VAL B 128 11.46 -15.08 1.29
C VAL B 128 12.97 -15.30 1.22
N THR B 129 13.52 -15.94 2.24
CA THR B 129 14.96 -16.14 2.31
C THR B 129 15.40 -17.49 1.70
N ARG B 130 16.71 -17.58 1.52
CA ARG B 130 17.38 -18.77 1.01
C ARG B 130 17.27 -19.95 2.00
N HIS B 131 16.91 -19.68 3.26
CA HIS B 131 16.62 -20.75 4.23
C HIS B 131 15.11 -20.96 4.44
N ALA B 132 14.32 -20.41 3.52
CA ALA B 132 12.85 -20.53 3.51
C ALA B 132 12.18 -19.90 4.73
N ASP B 133 12.83 -18.90 5.32
CA ASP B 133 12.17 -18.02 6.27
C ASP B 133 11.31 -17.03 5.49
N VAL B 134 10.22 -16.59 6.12
CA VAL B 134 9.36 -15.57 5.57
C VAL B 134 9.33 -14.42 6.55
N ILE B 135 9.99 -13.33 6.18
CA ILE B 135 10.27 -12.23 7.10
C ILE B 135 9.41 -11.03 6.75
N PRO B 136 8.55 -10.60 7.69
CA PRO B 136 7.69 -9.46 7.41
C PRO B 136 8.49 -8.17 7.30
N VAL B 137 8.17 -7.38 6.29
CA VAL B 137 8.85 -6.11 6.01
C VAL B 137 7.79 -5.06 5.72
N ARG B 138 7.95 -3.86 6.30
CA ARG B 138 7.08 -2.72 6.01
C ARG B 138 7.70 -1.90 4.88
N ARG B 139 7.03 -1.82 3.74
CA ARG B 139 7.52 -1.00 2.63
C ARG B 139 7.63 0.47 3.05
N ARG B 140 8.77 1.09 2.71
CA ARG B 140 9.04 2.49 3.08
C ARG B 140 9.23 3.44 1.90
N GLY B 141 9.51 2.90 0.74
CA GLY B 141 9.51 3.68 -0.48
C GLY B 141 9.50 2.73 -1.64
N ASP B 142 9.84 3.25 -2.80
CA ASP B 142 9.88 2.47 -4.02
C ASP B 142 10.71 1.20 -3.89
N SER B 143 11.89 1.34 -3.27
CA SER B 143 12.87 0.26 -3.27
C SER B 143 13.36 -0.15 -1.88
N ARG B 144 12.63 0.25 -0.84
CA ARG B 144 13.09 0.08 0.54
C ARG B 144 12.00 -0.46 1.47
N GLY B 145 12.42 -1.19 2.49
CA GLY B 145 11.53 -1.66 3.53
C GLY B 145 12.23 -1.74 4.87
N SER B 146 11.44 -1.74 5.93
CA SER B 146 11.96 -1.91 7.28
C SER B 146 11.51 -3.26 7.81
N LEU B 147 12.39 -3.99 8.48
CA LEU B 147 11.98 -5.22 9.16
C LEU B 147 11.05 -4.87 10.30
N LEU B 148 9.94 -5.58 10.40
CA LEU B 148 8.95 -5.31 11.45
C LEU B 148 9.37 -5.91 12.78
N SER B 149 10.09 -7.03 12.74
CA SER B 149 10.78 -7.54 13.90
C SER B 149 12.21 -7.92 13.55
N PRO B 150 13.13 -7.77 14.49
CA PRO B 150 14.54 -8.00 14.21
C PRO B 150 14.87 -9.44 13.85
N ARG B 151 15.83 -9.59 12.94
CA ARG B 151 16.47 -10.85 12.63
C ARG B 151 17.98 -10.58 12.48
N PRO B 152 18.82 -11.59 12.74
CA PRO B 152 20.24 -11.47 12.41
C PRO B 152 20.40 -11.26 10.91
N ILE B 153 21.33 -10.41 10.49
CA ILE B 153 21.49 -10.25 9.04
C ILE B 153 21.99 -11.56 8.37
N SER B 154 22.60 -12.46 9.15
CA SER B 154 23.03 -13.76 8.64
C SER B 154 21.85 -14.56 8.07
N TYR B 155 20.66 -14.36 8.62
CA TYR B 155 19.45 -15.01 8.10
C TYR B 155 19.09 -14.56 6.69
N LEU B 156 19.58 -13.38 6.29
CA LEU B 156 19.28 -12.81 4.99
C LEU B 156 20.40 -13.08 3.99
N LYS B 157 21.56 -13.52 4.47
CA LYS B 157 22.70 -13.70 3.62
C LYS B 157 22.49 -14.87 2.66
N GLY B 158 22.77 -14.61 1.39
CA GLY B 158 22.45 -15.55 0.33
C GLY B 158 21.02 -15.46 -0.16
N SER B 159 20.24 -14.48 0.30
CA SER B 159 18.86 -14.29 -0.17
C SER B 159 18.72 -13.30 -1.33
N ALA B 160 19.81 -12.61 -1.67
CA ALA B 160 19.80 -11.66 -2.80
C ALA B 160 19.36 -12.41 -4.05
N GLY B 161 18.46 -11.82 -4.82
CA GLY B 161 17.83 -12.51 -5.95
C GLY B 161 16.46 -13.06 -5.62
N GLY B 162 16.13 -13.16 -4.34
CA GLY B 162 14.84 -13.69 -3.90
C GLY B 162 13.74 -12.63 -3.88
N PRO B 163 12.48 -13.04 -3.71
CA PRO B 163 11.40 -12.05 -3.81
C PRO B 163 11.00 -11.37 -2.51
N LEU B 164 10.51 -10.14 -2.63
CA LEU B 164 9.60 -9.57 -1.65
C LEU B 164 8.21 -9.77 -2.20
N LEU B 165 7.34 -10.37 -1.41
CA LEU B 165 5.98 -10.66 -1.83
C LEU B 165 4.99 -9.82 -1.05
N CYS B 166 3.83 -9.56 -1.67
CA CYS B 166 2.74 -8.88 -0.98
C CYS B 166 1.97 -9.95 -0.18
N PRO B 167 0.96 -9.55 0.60
CA PRO B 167 0.20 -10.54 1.38
C PRO B 167 -0.47 -11.62 0.54
N ALA B 168 -0.77 -11.32 -0.73
CA ALA B 168 -1.37 -12.32 -1.63
C ALA B 168 -0.34 -13.19 -2.37
N GLY B 169 0.94 -12.98 -2.10
CA GLY B 169 2.00 -13.76 -2.74
C GLY B 169 2.40 -13.30 -4.13
N HIS B 170 2.06 -12.06 -4.48
CA HIS B 170 2.49 -11.43 -5.72
C HIS B 170 3.84 -10.78 -5.56
N ALA B 171 4.60 -10.65 -6.65
CA ALA B 171 5.97 -10.13 -6.58
C ALA B 171 5.96 -8.61 -6.48
N VAL B 172 6.62 -8.08 -5.45
CA VAL B 172 6.78 -6.64 -5.30
C VAL B 172 8.19 -6.18 -5.72
N GLY B 173 9.17 -7.04 -5.48
CA GLY B 173 10.51 -6.78 -5.96
C GLY B 173 11.49 -7.91 -5.73
N ILE B 174 12.75 -7.64 -6.08
CA ILE B 174 13.86 -8.58 -5.95
C ILE B 174 14.81 -8.04 -4.89
N PHE B 175 14.96 -8.79 -3.82
CA PHE B 175 15.84 -8.41 -2.71
C PHE B 175 17.31 -8.35 -3.17
N ARG B 176 18.02 -7.32 -2.77
CA ARG B 176 19.45 -7.27 -3.09
C ARG B 176 20.39 -6.99 -1.93
N ALA B 177 19.95 -6.26 -0.91
CA ALA B 177 20.86 -5.88 0.18
C ALA B 177 20.09 -5.47 1.42
N ALA B 178 20.73 -5.53 2.57
CA ALA B 178 20.08 -5.14 3.78
C ALA B 178 21.00 -4.37 4.70
N VAL B 179 20.41 -3.53 5.52
CA VAL B 179 21.11 -2.72 6.50
C VAL B 179 21.24 -3.45 7.80
N SER B 180 22.46 -3.51 8.35
CA SER B 180 22.75 -4.20 9.59
C SER B 180 23.22 -3.18 10.62
N THR B 181 22.75 -3.30 11.85
CA THR B 181 23.38 -2.62 12.99
C THR B 181 23.86 -3.71 13.95
N ARG B 182 25.19 -3.81 14.10
CA ARG B 182 25.82 -4.80 14.97
C ARG B 182 25.25 -6.22 14.75
N GLY B 183 25.11 -6.57 13.47
CA GLY B 183 24.67 -7.90 13.07
C GLY B 183 23.16 -8.08 12.94
N VAL B 184 22.38 -7.07 13.36
CA VAL B 184 20.91 -7.20 13.34
C VAL B 184 20.33 -6.47 12.13
N ALA B 185 19.60 -7.19 11.28
CA ALA B 185 19.00 -6.57 10.10
C ALA B 185 17.90 -5.62 10.49
N LYS B 186 17.93 -4.42 9.88
CA LYS B 186 16.96 -3.36 10.17
C LYS B 186 16.10 -2.99 8.97
N ALA B 187 16.69 -3.03 7.78
CA ALA B 187 16.01 -2.58 6.57
C ALA B 187 16.54 -3.33 5.36
N VAL B 188 15.75 -3.32 4.31
CA VAL B 188 16.11 -4.02 3.08
C VAL B 188 16.01 -3.07 1.88
N ASP B 189 16.85 -3.35 0.88
CA ASP B 189 16.84 -2.66 -0.38
C ASP B 189 16.50 -3.69 -1.45
N PHE B 190 15.60 -3.32 -2.37
CA PHE B 190 15.17 -4.23 -3.42
C PHE B 190 14.96 -3.50 -4.73
N ILE B 191 14.94 -4.27 -5.81
CA ILE B 191 14.70 -3.79 -7.13
C ILE B 191 13.21 -3.95 -7.34
N PRO B 192 12.46 -2.84 -7.51
CA PRO B 192 11.00 -2.96 -7.71
C PRO B 192 10.62 -3.69 -9.00
N VAL B 193 9.50 -4.39 -8.95
CA VAL B 193 9.02 -5.07 -10.17
C VAL B 193 8.83 -4.10 -11.33
N GLU B 194 8.48 -2.86 -11.03
CA GLU B 194 8.33 -1.82 -12.06
C GLU B 194 9.64 -1.57 -12.82
N SER B 195 10.75 -1.67 -12.10
CA SER B 195 12.08 -1.49 -12.67
C SER B 195 12.46 -2.67 -13.58
N LEU B 196 12.07 -3.87 -13.19
CA LEU B 196 12.24 -5.04 -14.05
C LEU B 196 11.49 -4.81 -15.35
N GLU B 197 10.28 -4.30 -15.24
CA GLU B 197 9.44 -4.08 -16.41
C GLU B 197 10.01 -3.01 -17.35
N THR B 198 10.61 -1.96 -16.79
CA THR B 198 11.29 -0.93 -17.58
C THR B 198 12.54 -1.48 -18.30
N THR B 199 13.29 -2.34 -17.60
CA THR B 199 14.41 -3.04 -18.19
C THR B 199 14.00 -3.90 -19.38
N MET B 200 12.87 -4.60 -19.24
CA MET B 200 12.34 -5.44 -20.32
C MET B 200 11.89 -4.56 -21.51
N PHE C 2 24.08 2.66 14.91
CA PHE C 2 25.20 2.66 13.96
C PHE C 2 25.01 1.47 13.02
N ASP C 3 24.99 1.73 11.72
CA ASP C 3 24.58 0.69 10.76
C ASP C 3 25.29 0.79 9.41
N GLU C 4 24.98 -0.14 8.50
CA GLU C 4 25.61 -0.16 7.18
C GLU C 4 24.90 -1.18 6.29
N MET C 5 24.85 -0.88 4.99
CA MET C 5 24.14 -1.71 4.01
C MET C 5 25.07 -2.80 3.50
N GLU C 6 24.58 -4.03 3.55
CA GLU C 6 25.36 -5.19 3.23
C GLU C 6 24.72 -5.92 2.08
N GLU C 7 25.48 -6.16 1.02
CA GLU C 7 25.02 -7.03 -0.08
C GLU C 7 24.71 -8.42 0.44
N CYS C 8 23.61 -9.01 0.00
CA CYS C 8 23.22 -10.31 0.54
C CYS C 8 23.31 -11.39 -0.51
#